data_1RE0
#
_entry.id   1RE0
#
_cell.length_a   64.725
_cell.length_b   72.294
_cell.length_c   119.632
_cell.angle_alpha   90.00
_cell.angle_beta   90.00
_cell.angle_gamma   90.00
#
_symmetry.space_group_name_H-M   'P 21 21 21'
#
loop_
_entity.id
_entity.type
_entity.pdbx_description
1 polymer 'ADP-ribosylation factor 1'
2 polymer 'ARF guanine-nucleotide exchange factor 1'
3 non-polymer 'MAGNESIUM ION'
4 non-polymer "GUANOSINE-5'-DIPHOSPHATE"
5 non-polymer 1,6,7,8,9,11A,12,13,14,14A-DECAHYDRO-1,13-DIHYDROXY-6-METHYL-4H-CYCLOPENT[F]OXACYCLOTRIDECIN-4-ONE
6 non-polymer 'CITRIC ACID'
7 water water
#
loop_
_entity_poly.entity_id
_entity_poly.type
_entity_poly.pdbx_seq_one_letter_code
_entity_poly.pdbx_strand_id
1 'polypeptide(L)'
;MRILMVGLDAAGKTTILYKLKLGEIVTTIPTIGFNVETVEYKNISFTVWDVGGQDKIRPLWRHYFQNTQGLIFVVDSNDR
ERVNEAREELMRMLAEDELRDAVLLVFANKQDLPNAMNAAEITDKLGLHSLRHRNWYIQATCATSGDGLYEGLDWLSNQL
RNQK
;
A
2 'polypeptide(L)'
;GSHMASDRKTEFILCVETFNEKAKKGIQMLIEKGFIDSDSNRDIASFLFLNNGRLNKKTIGLLLCDPKKTSLLKEFIDLF
DFKGLRVDEAIRILLTKFRLPGESQQIERIVEAFSSKYSADQSNDKVELEDKKAGKNGSESMTEDDIIHVQPDADSVFVL
SYSIIMLNTDSHNPQVKDHMTFDDYSNNLRGCYNGKDFPRWYLHKIYTSIKVKEIVMPEEH
;
B
#
loop_
_chem_comp.id
_chem_comp.type
_chem_comp.name
_chem_comp.formula
AFB non-polymer 1,6,7,8,9,11A,12,13,14,14A-DECAHYDRO-1,13-DIHYDROXY-6-METHYL-4H-CYCLOPENT[F]OXACYCLOTRIDECIN-4-ONE 'C16 H24 O4'
CIT non-polymer 'CITRIC ACID' 'C6 H8 O7'
GDP RNA linking GUANOSINE-5'-DIPHOSPHATE 'C10 H15 N5 O11 P2'
MG non-polymer 'MAGNESIUM ION' 'Mg 2'
#
# COMPACT_ATOMS: atom_id res chain seq x y z
N MET A 1 16.94 -10.89 12.07
CA MET A 1 16.03 -10.40 13.14
C MET A 1 15.10 -9.33 12.54
N ARG A 2 13.81 -9.45 12.83
CA ARG A 2 12.82 -8.52 12.26
C ARG A 2 12.15 -7.52 13.19
N ILE A 3 12.00 -6.31 12.66
CA ILE A 3 11.36 -5.23 13.38
C ILE A 3 10.36 -4.53 12.46
N LEU A 4 9.17 -4.29 12.97
CA LEU A 4 8.15 -3.59 12.19
C LEU A 4 8.04 -2.17 12.73
N MET A 5 7.86 -1.22 11.82
CA MET A 5 7.70 0.18 12.20
C MET A 5 6.30 0.66 11.82
N VAL A 6 5.47 0.93 12.82
CA VAL A 6 4.12 1.41 12.58
C VAL A 6 3.92 2.82 13.12
N GLY A 7 2.79 3.40 12.77
CA GLY A 7 2.49 4.74 13.21
C GLY A 7 1.39 5.34 12.37
N LEU A 8 0.63 6.27 12.93
CA LEU A 8 -0.45 6.90 12.17
C LEU A 8 0.18 7.58 10.97
N ASP A 9 -0.63 7.85 9.97
CA ASP A 9 -0.19 8.52 8.78
C ASP A 9 0.38 9.89 9.16
N ALA A 10 1.50 10.26 8.53
CA ALA A 10 2.17 11.54 8.76
C ALA A 10 3.01 11.61 10.04
N ALA A 11 3.18 10.48 10.71
CA ALA A 11 3.98 10.45 11.93
C ALA A 11 5.45 10.67 11.58
N GLY A 12 5.84 10.25 10.38
CA GLY A 12 7.21 10.43 9.95
C GLY A 12 7.96 9.15 9.61
N LYS A 13 7.22 8.08 9.36
CA LYS A 13 7.85 6.80 9.05
C LYS A 13 8.72 6.88 7.79
N THR A 14 8.15 7.42 6.71
CA THR A 14 8.87 7.55 5.45
C THR A 14 10.12 8.43 5.62
N THR A 15 9.95 9.56 6.29
CA THR A 15 11.06 10.50 6.51
C THR A 15 12.20 9.83 7.27
N ILE A 16 11.86 9.05 8.29
CA ILE A 16 12.86 8.35 9.08
C ILE A 16 13.63 7.34 8.24
N LEU A 17 12.92 6.61 7.39
CA LEU A 17 13.60 5.62 6.54
C LEU A 17 14.39 6.30 5.43
N TYR A 18 14.09 7.55 5.16
CA TYR A 18 14.83 8.29 4.14
C TYR A 18 16.23 8.58 4.70
N LYS A 19 16.27 9.13 5.91
CA LYS A 19 17.54 9.44 6.57
C LYS A 19 18.38 8.19 6.75
N LEU A 20 17.75 7.14 7.30
CA LEU A 20 18.45 5.89 7.55
C LEU A 20 18.95 5.23 6.27
N LYS A 21 18.30 5.55 5.16
CA LYS A 21 18.65 4.98 3.86
C LYS A 21 20.07 5.30 3.43
N LEU A 22 20.27 6.47 2.83
CA LEU A 22 21.60 6.89 2.36
C LEU A 22 21.96 6.07 1.13
N GLY A 23 21.38 4.88 1.03
CA GLY A 23 21.65 4.00 -0.08
C GLY A 23 21.27 4.54 -1.44
N GLU A 24 21.86 3.95 -2.48
CA GLU A 24 21.62 4.35 -3.86
C GLU A 24 20.15 4.60 -4.16
N ILE A 25 19.82 5.86 -4.47
CA ILE A 25 18.44 6.23 -4.79
C ILE A 25 17.89 5.27 -5.85
N VAL A 26 16.67 4.79 -5.62
CA VAL A 26 16.02 3.86 -6.55
C VAL A 26 16.17 4.36 -7.99
N THR A 27 16.94 3.60 -8.77
CA THR A 27 17.16 3.92 -10.18
C THR A 27 16.53 2.81 -11.01
N THR A 28 15.71 2.01 -10.35
CA THR A 28 15.03 0.89 -10.99
C THR A 28 13.54 1.17 -11.16
N ILE A 29 12.90 0.38 -12.03
CA ILE A 29 11.48 0.51 -12.28
C ILE A 29 10.71 -0.07 -11.09
N PRO A 30 9.80 0.72 -10.51
CA PRO A 30 9.02 0.25 -9.36
C PRO A 30 8.20 -1.02 -9.63
N THR A 31 8.29 -1.97 -8.71
CA THR A 31 7.57 -3.23 -8.77
C THR A 31 6.08 -2.93 -8.54
N ILE A 32 5.21 -3.50 -9.36
CA ILE A 32 3.77 -3.27 -9.19
C ILE A 32 3.30 -3.86 -7.88
N GLY A 33 2.66 -3.05 -7.04
CA GLY A 33 2.18 -3.53 -5.77
C GLY A 33 2.41 -2.52 -4.66
N PHE A 34 2.58 -3.01 -3.43
CA PHE A 34 2.78 -2.15 -2.28
C PHE A 34 4.16 -1.52 -2.17
N ASN A 35 4.21 -0.34 -1.55
CA ASN A 35 5.50 0.32 -1.35
C ASN A 35 6.21 -0.47 -0.27
N VAL A 36 7.51 -0.67 -0.45
CA VAL A 36 8.29 -1.39 0.53
C VAL A 36 9.37 -0.46 1.05
N GLU A 37 9.30 -0.14 2.34
CA GLU A 37 10.27 0.74 2.97
C GLU A 37 10.94 -0.06 4.08
N THR A 38 12.14 -0.52 3.81
CA THR A 38 12.89 -1.33 4.77
C THR A 38 14.36 -0.94 4.72
N VAL A 39 15.08 -1.21 5.80
CA VAL A 39 16.50 -0.89 5.87
C VAL A 39 17.20 -1.79 6.88
N GLU A 40 18.50 -1.97 6.69
CA GLU A 40 19.28 -2.80 7.60
C GLU A 40 20.22 -1.95 8.43
N TYR A 41 20.27 -2.25 9.72
CA TYR A 41 21.13 -1.53 10.67
C TYR A 41 21.54 -2.55 11.71
N LYS A 42 22.85 -2.75 11.84
CA LYS A 42 23.39 -3.72 12.79
C LYS A 42 22.68 -5.06 12.70
N ASN A 43 22.70 -5.63 11.49
CA ASN A 43 22.09 -6.92 11.19
C ASN A 43 20.59 -7.01 11.44
N ILE A 44 19.99 -5.89 11.83
CA ILE A 44 18.56 -5.86 12.09
C ILE A 44 17.79 -5.26 10.92
N SER A 45 16.68 -5.89 10.58
CA SER A 45 15.85 -5.43 9.47
C SER A 45 14.62 -4.68 10.01
N PHE A 46 14.45 -3.45 9.57
CA PHE A 46 13.32 -2.63 9.99
C PHE A 46 12.42 -2.37 8.78
N THR A 47 11.14 -2.67 8.93
CA THR A 47 10.21 -2.49 7.84
C THR A 47 8.94 -1.75 8.24
N VAL A 48 8.56 -0.78 7.41
CA VAL A 48 7.36 0.02 7.65
C VAL A 48 6.13 -0.80 7.31
N TRP A 49 5.21 -0.88 8.25
CA TRP A 49 3.99 -1.65 8.06
C TRP A 49 2.73 -0.80 8.24
N ASP A 50 1.96 -0.63 7.18
CA ASP A 50 0.71 0.15 7.26
C ASP A 50 -0.31 -0.66 8.04
N VAL A 51 -0.81 -0.10 9.13
CA VAL A 51 -1.80 -0.79 9.94
C VAL A 51 -3.19 -0.37 9.53
N GLY A 52 -3.26 0.44 8.48
CA GLY A 52 -4.55 0.90 8.03
C GLY A 52 -5.19 -0.22 7.24
N GLY A 53 -6.45 -0.07 6.87
CA GLY A 53 -7.03 -1.15 6.09
C GLY A 53 -8.04 -2.00 6.83
N GLN A 54 -9.18 -2.16 6.20
CA GLN A 54 -10.28 -2.92 6.75
C GLN A 54 -9.84 -4.28 7.37
N ASP A 55 -10.56 -4.71 8.40
CA ASP A 55 -10.25 -5.95 9.08
C ASP A 55 -10.29 -7.16 8.18
N LYS A 56 -11.06 -7.10 7.10
CA LYS A 56 -11.17 -8.23 6.17
C LYS A 56 -9.81 -8.74 5.70
N ILE A 57 -8.85 -7.83 5.51
CA ILE A 57 -7.53 -8.24 5.04
C ILE A 57 -6.51 -8.62 6.10
N ARG A 58 -6.78 -8.32 7.37
CA ARG A 58 -5.83 -8.63 8.43
C ARG A 58 -5.26 -10.06 8.44
N PRO A 59 -6.10 -11.08 8.17
CA PRO A 59 -5.57 -12.45 8.17
C PRO A 59 -4.32 -12.59 7.29
N LEU A 60 -4.21 -11.77 6.25
CA LEU A 60 -3.05 -11.83 5.36
C LEU A 60 -1.79 -11.25 6.01
N TRP A 61 -1.95 -10.63 7.17
CA TRP A 61 -0.81 -10.06 7.91
C TRP A 61 -0.07 -11.13 8.69
N ARG A 62 -0.77 -12.21 9.05
CA ARG A 62 -0.20 -13.30 9.84
C ARG A 62 1.20 -13.76 9.45
N HIS A 63 1.42 -13.96 8.16
CA HIS A 63 2.72 -14.41 7.72
C HIS A 63 3.85 -13.44 8.10
N TYR A 64 3.57 -12.15 7.99
CA TYR A 64 4.60 -11.15 8.27
C TYR A 64 4.80 -10.81 9.74
N PHE A 65 3.85 -11.20 10.58
CA PHE A 65 3.98 -10.93 12.00
C PHE A 65 4.79 -12.01 12.70
N GLN A 66 4.95 -13.17 12.05
CA GLN A 66 5.74 -14.26 12.62
C GLN A 66 7.17 -13.74 12.73
N ASN A 67 7.92 -14.31 13.67
CA ASN A 67 9.33 -13.94 13.82
C ASN A 67 9.57 -12.43 13.94
N THR A 68 8.78 -11.76 14.78
CA THR A 68 8.95 -10.33 14.99
C THR A 68 9.44 -10.10 16.42
N GLN A 69 10.68 -9.63 16.54
CA GLN A 69 11.30 -9.38 17.84
C GLN A 69 11.04 -7.99 18.39
N GLY A 70 10.76 -7.04 17.51
CA GLY A 70 10.52 -5.68 17.99
C GLY A 70 9.59 -4.85 17.15
N LEU A 71 9.01 -3.86 17.81
CA LEU A 71 8.08 -2.95 17.18
C LEU A 71 8.56 -1.54 17.45
N ILE A 72 8.60 -0.73 16.40
CA ILE A 72 8.99 0.65 16.55
C ILE A 72 7.72 1.44 16.28
N PHE A 73 7.25 2.19 17.28
CA PHE A 73 6.04 2.96 17.09
C PHE A 73 6.38 4.43 16.90
N VAL A 74 6.02 4.97 15.75
CA VAL A 74 6.31 6.37 15.47
C VAL A 74 5.06 7.23 15.69
N VAL A 75 5.22 8.31 16.45
CA VAL A 75 4.09 9.19 16.71
C VAL A 75 4.48 10.66 16.55
N ASP A 76 3.60 11.43 15.92
CA ASP A 76 3.83 12.85 15.71
C ASP A 76 3.59 13.56 17.05
N SER A 77 4.68 14.00 17.69
CA SER A 77 4.58 14.66 18.99
C SER A 77 3.86 15.99 18.98
N ASN A 78 3.62 16.53 17.80
CA ASN A 78 2.93 17.81 17.65
C ASN A 78 1.43 17.64 17.39
N ASP A 79 1.00 16.42 17.07
CA ASP A 79 -0.40 16.17 16.79
C ASP A 79 -1.19 15.79 18.06
N ARG A 80 -1.58 16.80 18.82
CA ARG A 80 -2.33 16.58 20.07
C ARG A 80 -3.72 15.99 19.85
N GLU A 81 -4.36 16.37 18.75
CA GLU A 81 -5.71 15.89 18.46
C GLU A 81 -5.76 14.40 18.14
N ARG A 82 -4.70 13.86 17.56
CA ARG A 82 -4.68 12.44 17.20
C ARG A 82 -3.83 11.57 18.11
N VAL A 83 -3.31 12.12 19.20
CA VAL A 83 -2.47 11.34 20.10
C VAL A 83 -3.21 10.16 20.70
N ASN A 84 -4.50 10.33 20.99
CA ASN A 84 -5.29 9.24 21.55
C ASN A 84 -5.52 8.15 20.51
N GLU A 85 -5.65 8.57 19.24
CA GLU A 85 -5.84 7.61 18.17
C GLU A 85 -4.55 6.78 18.08
N ALA A 86 -3.42 7.45 18.25
CA ALA A 86 -2.13 6.78 18.19
C ALA A 86 -2.03 5.72 19.29
N ARG A 87 -2.48 6.06 20.50
CA ARG A 87 -2.42 5.11 21.60
C ARG A 87 -3.21 3.85 21.26
N GLU A 88 -4.35 4.01 20.61
CA GLU A 88 -5.17 2.86 20.27
C GLU A 88 -4.47 1.94 19.28
N GLU A 89 -3.81 2.53 18.28
CA GLU A 89 -3.10 1.76 17.28
C GLU A 89 -1.97 0.98 17.92
N LEU A 90 -1.23 1.63 18.82
CA LEU A 90 -0.13 0.99 19.51
C LEU A 90 -0.67 -0.19 20.32
N MET A 91 -1.72 0.06 21.10
CA MET A 91 -2.31 -1.00 21.91
C MET A 91 -2.86 -2.15 21.07
N ARG A 92 -3.30 -1.88 19.85
CA ARG A 92 -3.82 -2.96 19.03
C ARG A 92 -2.66 -3.79 18.47
N MET A 93 -1.52 -3.15 18.23
CA MET A 93 -0.35 -3.84 17.72
C MET A 93 0.31 -4.68 18.82
N LEU A 94 0.38 -4.14 20.03
CA LEU A 94 0.98 -4.85 21.15
C LEU A 94 0.11 -6.05 21.56
N ALA A 95 -1.19 -5.98 21.30
CA ALA A 95 -2.09 -7.07 21.65
C ALA A 95 -1.96 -8.25 20.69
N GLU A 96 -1.29 -8.05 19.55
CA GLU A 96 -1.09 -9.13 18.60
C GLU A 96 -0.30 -10.26 19.26
N ASP A 97 -0.94 -11.42 19.37
CA ASP A 97 -0.33 -12.60 19.98
C ASP A 97 1.12 -12.81 19.54
N GLU A 98 1.37 -12.53 18.27
CA GLU A 98 2.70 -12.71 17.70
C GLU A 98 3.75 -11.70 18.19
N LEU A 99 3.30 -10.60 18.79
CA LEU A 99 4.22 -9.58 19.30
C LEU A 99 4.27 -9.54 20.82
N ARG A 100 3.71 -10.57 21.47
CA ARG A 100 3.68 -10.60 22.92
C ARG A 100 5.04 -10.41 23.61
N ASP A 101 6.12 -10.88 22.99
CA ASP A 101 7.43 -10.73 23.61
C ASP A 101 8.27 -9.67 22.91
N ALA A 102 7.66 -8.97 21.97
CA ALA A 102 8.39 -7.94 21.23
C ALA A 102 8.87 -6.78 22.12
N VAL A 103 10.05 -6.29 21.81
CA VAL A 103 10.64 -5.16 22.51
C VAL A 103 10.08 -3.92 21.83
N LEU A 104 9.62 -2.95 22.61
CA LEU A 104 9.04 -1.75 22.05
C LEU A 104 9.89 -0.49 22.10
N LEU A 105 9.95 0.21 20.97
CA LEU A 105 10.69 1.46 20.85
C LEU A 105 9.74 2.51 20.32
N VAL A 106 9.56 3.58 21.09
CA VAL A 106 8.68 4.66 20.67
C VAL A 106 9.50 5.86 20.29
N PHE A 107 9.29 6.35 19.07
CA PHE A 107 9.98 7.55 18.63
C PHE A 107 9.01 8.72 18.76
N ALA A 108 9.25 9.60 19.74
CA ALA A 108 8.40 10.77 19.90
C ALA A 108 8.99 11.74 18.89
N ASN A 109 8.52 11.63 17.64
CA ASN A 109 9.02 12.43 16.55
C ASN A 109 8.52 13.87 16.50
N LYS A 110 9.19 14.67 15.66
CA LYS A 110 8.87 16.07 15.46
C LYS A 110 9.11 16.96 16.69
N GLN A 111 10.10 16.59 17.50
CA GLN A 111 10.43 17.35 18.69
C GLN A 111 11.00 18.72 18.35
N ASP A 112 11.23 18.94 17.06
CA ASP A 112 11.75 20.21 16.59
C ASP A 112 10.66 21.27 16.57
N LEU A 113 9.41 20.84 16.52
CA LEU A 113 8.30 21.78 16.48
C LEU A 113 8.04 22.44 17.84
N PRO A 114 7.74 23.75 17.82
CA PRO A 114 7.47 24.62 18.97
C PRO A 114 6.56 24.04 20.05
N ASN A 115 5.39 23.52 19.65
CA ASN A 115 4.45 22.98 20.62
C ASN A 115 4.38 21.46 20.66
N ALA A 116 5.49 20.81 20.39
CA ALA A 116 5.53 19.35 20.41
C ALA A 116 5.55 18.84 21.86
N MET A 117 4.68 17.89 22.16
CA MET A 117 4.64 17.31 23.49
C MET A 117 6.01 16.67 23.72
N ASN A 118 6.53 16.80 24.94
CA ASN A 118 7.83 16.19 25.23
C ASN A 118 7.67 14.71 25.50
N ALA A 119 8.81 14.01 25.55
CA ALA A 119 8.83 12.58 25.79
C ALA A 119 8.02 12.18 27.03
N ALA A 120 8.11 12.99 28.08
CA ALA A 120 7.40 12.69 29.31
C ALA A 120 5.89 12.71 29.08
N GLU A 121 5.42 13.76 28.42
CA GLU A 121 4.00 13.90 28.13
C GLU A 121 3.49 12.79 27.21
N ILE A 122 4.29 12.44 26.20
CA ILE A 122 3.93 11.37 25.28
C ILE A 122 3.79 10.08 26.07
N THR A 123 4.76 9.83 26.94
CA THR A 123 4.76 8.63 27.78
C THR A 123 3.44 8.53 28.53
N ASP A 124 2.92 9.68 28.94
CA ASP A 124 1.67 9.70 29.67
C ASP A 124 0.46 9.52 28.74
N LYS A 125 0.45 10.25 27.64
CA LYS A 125 -0.65 10.16 26.68
C LYS A 125 -0.81 8.76 26.09
N LEU A 126 0.30 8.07 25.87
CA LEU A 126 0.26 6.73 25.28
C LEU A 126 0.08 5.64 26.33
N GLY A 127 0.03 6.02 27.60
CA GLY A 127 -0.16 5.05 28.66
C GLY A 127 0.95 4.01 28.80
N LEU A 128 2.17 4.38 28.40
CA LEU A 128 3.30 3.47 28.48
C LEU A 128 3.50 2.91 29.89
N HIS A 129 3.27 3.72 30.92
CA HIS A 129 3.44 3.24 32.28
C HIS A 129 2.42 2.19 32.75
N SER A 130 1.38 1.97 31.97
CA SER A 130 0.36 0.99 32.35
C SER A 130 0.72 -0.42 31.88
N LEU A 131 1.68 -0.50 30.96
CA LEU A 131 2.11 -1.78 30.41
C LEU A 131 2.80 -2.59 31.51
N ARG A 132 2.16 -3.69 31.93
CA ARG A 132 2.66 -4.56 33.00
C ARG A 132 3.74 -5.56 32.60
N HIS A 133 3.73 -6.02 31.35
CA HIS A 133 4.75 -6.94 30.87
C HIS A 133 5.17 -6.48 29.49
N ARG A 134 6.18 -5.62 29.47
CA ARG A 134 6.67 -5.08 28.22
C ARG A 134 7.97 -4.32 28.42
N ASN A 135 8.95 -4.62 27.57
CA ASN A 135 10.24 -3.96 27.61
C ASN A 135 10.16 -2.80 26.63
N TRP A 136 10.24 -1.56 27.11
CA TRP A 136 10.14 -0.43 26.20
C TRP A 136 11.04 0.76 26.53
N TYR A 137 11.22 1.60 25.53
CA TYR A 137 12.04 2.78 25.66
C TYR A 137 11.41 3.84 24.77
N ILE A 138 11.44 5.10 25.20
CA ILE A 138 10.90 6.16 24.37
C ILE A 138 12.03 7.11 24.07
N GLN A 139 12.14 7.49 22.81
CA GLN A 139 13.20 8.36 22.34
C GLN A 139 12.68 9.58 21.59
N ALA A 140 13.08 10.75 22.05
CA ALA A 140 12.67 12.00 21.41
C ALA A 140 13.44 12.08 20.10
N THR A 141 12.80 12.53 19.03
CA THR A 141 13.48 12.60 17.75
C THR A 141 12.96 13.68 16.83
N CYS A 142 13.71 13.89 15.76
CA CYS A 142 13.36 14.82 14.70
C CYS A 142 13.87 14.11 13.44
N ALA A 143 12.95 13.45 12.74
CA ALA A 143 13.30 12.70 11.54
C ALA A 143 13.99 13.51 10.44
N THR A 144 13.55 14.73 10.23
CA THR A 144 14.14 15.57 9.18
C THR A 144 15.65 15.80 9.36
N SER A 145 16.11 15.91 10.60
CA SER A 145 17.53 16.15 10.85
C SER A 145 18.28 14.88 11.24
N GLY A 146 17.57 13.90 11.79
CA GLY A 146 18.21 12.66 12.19
C GLY A 146 18.47 12.56 13.68
N ASP A 147 18.14 13.61 14.43
CA ASP A 147 18.35 13.60 15.88
C ASP A 147 17.57 12.51 16.58
N GLY A 148 18.25 11.75 17.42
CA GLY A 148 17.59 10.69 18.16
C GLY A 148 17.36 9.37 17.45
N LEU A 149 17.32 9.39 16.12
CA LEU A 149 17.08 8.16 15.37
C LEU A 149 18.06 7.04 15.73
N TYR A 150 19.35 7.32 15.66
CA TYR A 150 20.33 6.28 15.98
C TYR A 150 20.41 5.95 17.46
N GLU A 151 20.22 6.95 18.31
CA GLU A 151 20.26 6.74 19.75
C GLU A 151 19.19 5.72 20.13
N GLY A 152 18.04 5.80 19.46
CA GLY A 152 16.96 4.88 19.73
C GLY A 152 17.15 3.50 19.13
N LEU A 153 17.68 3.45 17.91
CA LEU A 153 17.91 2.16 17.26
C LEU A 153 19.02 1.40 18.00
N ASP A 154 19.99 2.14 18.52
CA ASP A 154 21.08 1.50 19.26
C ASP A 154 20.59 0.91 20.58
N TRP A 155 19.58 1.53 21.20
CA TRP A 155 19.05 0.98 22.45
C TRP A 155 18.32 -0.32 22.13
N LEU A 156 17.57 -0.28 21.04
CA LEU A 156 16.77 -1.43 20.58
C LEU A 156 17.68 -2.60 20.24
N SER A 157 18.75 -2.32 19.50
CA SER A 157 19.71 -3.34 19.11
C SER A 157 20.26 -4.04 20.36
N ASN A 158 20.77 -3.25 21.29
CA ASN A 158 21.35 -3.76 22.52
C ASN A 158 20.38 -4.63 23.32
N GLN A 159 19.08 -4.38 23.18
CA GLN A 159 18.08 -5.14 23.90
C GLN A 159 17.73 -6.50 23.28
N LEU A 160 17.87 -6.60 21.97
CA LEU A 160 17.56 -7.85 21.27
C LEU A 160 18.75 -8.79 21.24
N ARG A 161 19.95 -8.20 21.26
CA ARG A 161 21.20 -8.93 21.22
C ARG A 161 21.42 -9.78 22.47
N ASN A 162 21.41 -9.12 23.62
CA ASN A 162 21.62 -9.78 24.90
C ASN A 162 20.30 -10.07 25.59
N GLY B 1 -8.34 24.40 -43.87
CA GLY B 1 -9.04 23.09 -44.01
C GLY B 1 -8.08 21.93 -44.23
N SER B 2 -7.06 22.16 -45.06
CA SER B 2 -6.07 21.13 -45.34
C SER B 2 -5.18 20.93 -44.13
N HIS B 3 -5.38 21.76 -43.12
CA HIS B 3 -4.60 21.69 -41.89
C HIS B 3 -5.45 21.33 -40.67
N MET B 4 -6.76 21.33 -40.84
CA MET B 4 -7.68 21.02 -39.75
C MET B 4 -7.33 19.73 -39.01
N ALA B 5 -7.24 18.63 -39.74
CA ALA B 5 -6.93 17.35 -39.12
C ALA B 5 -5.65 17.42 -38.28
N SER B 6 -4.55 17.79 -38.92
CA SER B 6 -3.28 17.90 -38.22
C SER B 6 -3.37 18.81 -37.01
N ASP B 7 -4.10 19.92 -37.12
CA ASP B 7 -4.24 20.86 -36.01
C ASP B 7 -5.06 20.25 -34.90
N ARG B 8 -6.06 19.47 -35.28
CA ARG B 8 -6.96 18.81 -34.33
C ARG B 8 -6.16 17.82 -33.48
N LYS B 9 -5.26 17.10 -34.11
CA LYS B 9 -4.44 16.11 -33.41
C LYS B 9 -3.56 16.81 -32.37
N THR B 10 -2.95 17.93 -32.77
CA THR B 10 -2.08 18.68 -31.87
C THR B 10 -2.89 19.17 -30.67
N GLU B 11 -4.12 19.60 -30.92
CA GLU B 11 -4.98 20.06 -29.83
C GLU B 11 -5.13 18.92 -28.85
N PHE B 12 -5.39 17.73 -29.39
CA PHE B 12 -5.56 16.55 -28.56
C PHE B 12 -4.32 16.25 -27.73
N ILE B 13 -3.16 16.28 -28.37
CA ILE B 13 -1.91 15.99 -27.69
C ILE B 13 -1.64 16.93 -26.52
N LEU B 14 -1.88 18.23 -26.73
CA LEU B 14 -1.65 19.18 -25.66
C LEU B 14 -2.60 18.91 -24.49
N CYS B 15 -3.82 18.46 -24.79
CA CYS B 15 -4.78 18.11 -23.74
C CYS B 15 -4.22 16.94 -22.93
N VAL B 16 -3.71 15.92 -23.62
CA VAL B 16 -3.14 14.75 -22.95
C VAL B 16 -1.98 15.14 -22.02
N GLU B 17 -1.05 15.94 -22.53
CA GLU B 17 0.09 16.36 -21.72
C GLU B 17 -0.42 17.11 -20.50
N THR B 18 -1.54 17.81 -20.66
CA THR B 18 -2.11 18.56 -19.55
C THR B 18 -2.77 17.60 -18.56
N PHE B 19 -3.36 16.54 -19.10
CA PHE B 19 -3.99 15.53 -18.27
C PHE B 19 -2.91 14.79 -17.47
N ASN B 20 -1.88 14.34 -18.18
CA ASN B 20 -0.79 13.60 -17.55
C ASN B 20 -0.19 14.29 -16.33
N GLU B 21 -0.10 15.62 -16.37
CA GLU B 21 0.47 16.37 -15.25
C GLU B 21 -0.58 16.72 -14.21
N LYS B 22 -1.78 17.10 -14.66
CA LYS B 22 -2.88 17.43 -13.76
C LYS B 22 -4.16 16.85 -14.35
N ALA B 23 -4.55 15.69 -13.84
CA ALA B 23 -5.73 14.99 -14.32
C ALA B 23 -6.97 15.88 -14.50
N LYS B 24 -7.37 16.55 -13.44
CA LYS B 24 -8.56 17.39 -13.48
C LYS B 24 -8.52 18.48 -14.57
N LYS B 25 -7.39 19.15 -14.71
CA LYS B 25 -7.27 20.20 -15.71
C LYS B 25 -7.33 19.61 -17.13
N GLY B 26 -6.66 18.49 -17.32
CA GLY B 26 -6.67 17.85 -18.63
C GLY B 26 -8.06 17.46 -19.03
N ILE B 27 -8.82 16.90 -18.09
CA ILE B 27 -10.18 16.48 -18.37
C ILE B 27 -11.07 17.66 -18.71
N GLN B 28 -10.90 18.78 -18.00
CA GLN B 28 -11.69 19.98 -18.28
C GLN B 28 -11.37 20.46 -19.69
N MET B 29 -10.08 20.44 -20.03
CA MET B 29 -9.64 20.88 -21.35
C MET B 29 -10.22 19.97 -22.43
N LEU B 30 -10.16 18.66 -22.20
CA LEU B 30 -10.69 17.69 -23.15
C LEU B 30 -12.19 17.86 -23.38
N ILE B 31 -12.94 18.17 -22.32
CA ILE B 31 -14.38 18.35 -22.48
C ILE B 31 -14.65 19.66 -23.21
N GLU B 32 -13.86 20.68 -22.92
CA GLU B 32 -14.03 21.97 -23.57
C GLU B 32 -13.65 21.92 -25.05
N LYS B 33 -12.65 21.13 -25.39
CA LYS B 33 -12.21 21.01 -26.78
C LYS B 33 -13.02 19.94 -27.52
N GLY B 34 -14.07 19.46 -26.88
CA GLY B 34 -14.93 18.47 -27.49
C GLY B 34 -14.43 17.04 -27.66
N PHE B 35 -13.42 16.62 -26.89
CA PHE B 35 -12.93 15.25 -27.03
C PHE B 35 -13.68 14.32 -26.11
N ILE B 36 -14.39 14.89 -25.15
CA ILE B 36 -15.20 14.14 -24.21
C ILE B 36 -16.53 14.87 -24.15
N ASP B 37 -17.62 14.15 -24.41
CA ASP B 37 -18.95 14.75 -24.41
C ASP B 37 -19.32 15.56 -23.17
N SER B 38 -19.06 15.01 -21.99
CA SER B 38 -19.39 15.72 -20.75
C SER B 38 -18.43 15.29 -19.64
N ASP B 39 -18.71 15.74 -18.42
CA ASP B 39 -17.87 15.38 -17.28
C ASP B 39 -18.50 14.27 -16.43
N SER B 40 -19.43 13.51 -17.00
CA SER B 40 -20.05 12.44 -16.25
C SER B 40 -19.03 11.34 -16.00
N ASN B 41 -19.26 10.53 -14.97
CA ASN B 41 -18.33 9.44 -14.66
C ASN B 41 -18.28 8.51 -15.86
N ARG B 42 -19.44 8.30 -16.46
CA ARG B 42 -19.56 7.42 -17.62
C ARG B 42 -18.73 7.87 -18.82
N ASP B 43 -18.79 9.15 -19.16
CA ASP B 43 -18.04 9.64 -20.32
C ASP B 43 -16.54 9.68 -20.03
N ILE B 44 -16.17 10.01 -18.80
CA ILE B 44 -14.77 10.04 -18.47
C ILE B 44 -14.22 8.63 -18.38
N ALA B 45 -14.99 7.70 -17.83
CA ALA B 45 -14.51 6.32 -17.73
C ALA B 45 -14.26 5.72 -19.11
N SER B 46 -15.17 5.98 -20.04
CA SER B 46 -15.05 5.48 -21.40
C SER B 46 -13.79 6.04 -22.07
N PHE B 47 -13.56 7.33 -21.91
CA PHE B 47 -12.38 7.96 -22.51
C PHE B 47 -11.09 7.33 -21.97
N LEU B 48 -11.01 7.16 -20.65
CA LEU B 48 -9.83 6.57 -20.02
C LEU B 48 -9.62 5.12 -20.48
N PHE B 49 -10.70 4.34 -20.48
CA PHE B 49 -10.65 2.95 -20.90
C PHE B 49 -10.15 2.82 -22.34
N LEU B 50 -10.76 3.57 -23.26
CA LEU B 50 -10.39 3.50 -24.68
C LEU B 50 -9.06 4.15 -25.07
N ASN B 51 -8.70 5.26 -24.45
CA ASN B 51 -7.45 5.95 -24.80
C ASN B 51 -6.30 5.62 -23.86
N ASN B 52 -6.53 4.65 -22.99
CA ASN B 52 -5.56 4.18 -22.03
C ASN B 52 -4.14 4.17 -22.62
N GLY B 53 -4.02 3.65 -23.83
CA GLY B 53 -2.71 3.56 -24.46
C GLY B 53 -2.04 4.87 -24.85
N ARG B 54 -2.75 6.00 -24.69
CA ARG B 54 -2.17 7.31 -25.03
C ARG B 54 -1.92 8.18 -23.80
N LEU B 55 -2.44 7.77 -22.66
CA LEU B 55 -2.27 8.55 -21.44
C LEU B 55 -1.24 7.97 -20.48
N ASN B 56 -0.79 8.81 -19.56
CA ASN B 56 0.17 8.41 -18.54
C ASN B 56 -0.59 7.45 -17.62
N LYS B 57 -0.21 6.18 -17.62
CA LYS B 57 -0.94 5.20 -16.80
C LYS B 57 -0.86 5.40 -15.30
N LYS B 58 0.21 6.03 -14.82
CA LYS B 58 0.33 6.28 -13.41
C LYS B 58 -0.73 7.31 -13.03
N THR B 59 -0.85 8.35 -13.85
CA THR B 59 -1.84 9.41 -13.61
C THR B 59 -3.26 8.83 -13.60
N ILE B 60 -3.52 7.87 -14.48
CA ILE B 60 -4.83 7.25 -14.52
C ILE B 60 -5.13 6.55 -13.21
N GLY B 61 -4.13 5.82 -12.72
CA GLY B 61 -4.28 5.09 -11.47
C GLY B 61 -4.50 5.99 -10.27
N LEU B 62 -3.82 7.13 -10.24
CA LEU B 62 -3.97 8.05 -9.13
C LEU B 62 -5.33 8.76 -9.19
N LEU B 63 -5.89 8.87 -10.39
CA LEU B 63 -7.19 9.49 -10.56
C LEU B 63 -8.25 8.50 -10.09
N LEU B 64 -8.11 7.24 -10.52
CA LEU B 64 -9.06 6.20 -10.14
C LEU B 64 -9.07 5.79 -8.66
N CYS B 65 -7.96 5.95 -7.95
CA CYS B 65 -7.94 5.58 -6.54
C CYS B 65 -8.22 6.77 -5.63
N ASP B 66 -8.56 7.92 -6.23
CA ASP B 66 -8.89 9.10 -5.45
C ASP B 66 -10.20 8.76 -4.76
N PRO B 67 -10.23 8.83 -3.42
CA PRO B 67 -11.42 8.51 -2.61
C PRO B 67 -12.73 9.17 -3.05
N LYS B 68 -12.63 10.33 -3.67
CA LYS B 68 -13.84 11.03 -4.14
C LYS B 68 -14.26 10.59 -5.53
N LYS B 69 -13.46 9.71 -6.13
CA LYS B 69 -13.74 9.21 -7.48
C LYS B 69 -14.33 7.81 -7.50
N THR B 70 -15.06 7.49 -6.44
CA THR B 70 -15.69 6.19 -6.29
C THR B 70 -16.42 5.76 -7.57
N SER B 71 -17.39 6.54 -8.00
CA SER B 71 -18.17 6.19 -9.18
C SER B 71 -17.36 6.12 -10.46
N LEU B 72 -16.42 7.04 -10.64
CA LEU B 72 -15.58 6.99 -11.84
C LEU B 72 -14.86 5.64 -11.86
N LEU B 73 -14.33 5.22 -10.72
CA LEU B 73 -13.65 3.94 -10.63
C LEU B 73 -14.61 2.79 -10.96
N LYS B 74 -15.82 2.82 -10.39
CA LYS B 74 -16.80 1.77 -10.67
C LYS B 74 -17.19 1.74 -12.16
N GLU B 75 -17.42 2.91 -12.72
CA GLU B 75 -17.78 3.00 -14.13
C GLU B 75 -16.66 2.46 -15.02
N PHE B 76 -15.42 2.79 -14.66
CA PHE B 76 -14.25 2.36 -15.43
C PHE B 76 -14.11 0.85 -15.43
N ILE B 77 -14.15 0.26 -14.24
CA ILE B 77 -14.03 -1.18 -14.10
C ILE B 77 -15.22 -1.92 -14.68
N ASP B 78 -16.33 -1.21 -14.86
CA ASP B 78 -17.50 -1.85 -15.43
C ASP B 78 -17.35 -2.10 -16.93
N LEU B 79 -16.37 -1.45 -17.55
CA LEU B 79 -16.13 -1.60 -18.99
C LEU B 79 -15.39 -2.90 -19.29
N PHE B 80 -14.88 -3.56 -18.26
CA PHE B 80 -14.17 -4.83 -18.45
C PHE B 80 -15.20 -5.95 -18.42
N ASP B 81 -14.78 -7.13 -18.86
CA ASP B 81 -15.62 -8.32 -18.84
C ASP B 81 -14.75 -9.45 -18.30
N PHE B 82 -15.00 -9.84 -17.05
CA PHE B 82 -14.24 -10.88 -16.37
C PHE B 82 -14.94 -12.25 -16.29
N LYS B 83 -16.07 -12.37 -16.96
CA LYS B 83 -16.83 -13.63 -16.95
C LYS B 83 -15.99 -14.82 -17.37
N GLY B 84 -16.00 -15.85 -16.53
CA GLY B 84 -15.26 -17.05 -16.83
C GLY B 84 -13.74 -17.01 -16.70
N LEU B 85 -13.21 -15.91 -16.16
CA LEU B 85 -11.75 -15.82 -15.99
C LEU B 85 -11.41 -16.09 -14.53
N ARG B 86 -10.25 -16.66 -14.27
CA ARG B 86 -9.91 -16.87 -12.87
C ARG B 86 -9.37 -15.55 -12.30
N VAL B 87 -9.47 -15.39 -10.99
CA VAL B 87 -9.04 -14.16 -10.33
C VAL B 87 -7.70 -13.57 -10.76
N ASP B 88 -6.65 -14.39 -10.85
CA ASP B 88 -5.35 -13.84 -11.25
C ASP B 88 -5.34 -13.42 -12.73
N GLU B 89 -6.13 -14.08 -13.58
CA GLU B 89 -6.18 -13.70 -14.98
C GLU B 89 -6.88 -12.36 -15.14
N ALA B 90 -7.95 -12.17 -14.37
CA ALA B 90 -8.72 -10.94 -14.41
C ALA B 90 -7.91 -9.75 -13.89
N ILE B 91 -7.13 -9.97 -12.83
CA ILE B 91 -6.32 -8.90 -12.25
C ILE B 91 -5.26 -8.44 -13.23
N ARG B 92 -4.68 -9.37 -13.99
CA ARG B 92 -3.68 -8.99 -14.97
C ARG B 92 -4.31 -8.10 -16.04
N ILE B 93 -5.55 -8.41 -16.45
CA ILE B 93 -6.22 -7.62 -17.45
C ILE B 93 -6.50 -6.21 -16.89
N LEU B 94 -7.05 -6.15 -15.69
CA LEU B 94 -7.34 -4.88 -15.06
C LEU B 94 -6.09 -3.99 -15.03
N LEU B 95 -4.96 -4.57 -14.61
CA LEU B 95 -3.72 -3.81 -14.50
C LEU B 95 -2.95 -3.48 -15.78
N THR B 96 -3.54 -3.75 -16.94
CA THR B 96 -2.89 -3.38 -18.18
C THR B 96 -3.38 -1.98 -18.58
N LYS B 97 -4.51 -1.55 -18.00
CA LYS B 97 -5.11 -0.25 -18.33
C LYS B 97 -4.70 0.95 -17.46
N PHE B 98 -3.95 0.70 -16.40
CA PHE B 98 -3.49 1.79 -15.54
C PHE B 98 -2.42 1.27 -14.62
N ARG B 99 -1.63 2.19 -14.05
CA ARG B 99 -0.58 1.79 -13.14
C ARG B 99 -1.08 1.78 -11.71
N LEU B 100 -1.11 0.60 -11.10
CA LEU B 100 -1.58 0.46 -9.73
C LEU B 100 -0.74 1.35 -8.80
N PRO B 101 -1.40 2.10 -7.90
CA PRO B 101 -0.73 2.99 -6.93
C PRO B 101 0.00 2.13 -5.89
N GLY B 102 0.84 2.75 -5.06
CA GLY B 102 1.61 2.00 -4.08
C GLY B 102 1.19 2.01 -2.60
N GLU B 103 0.34 2.95 -2.20
CA GLU B 103 -0.10 2.99 -0.81
C GLU B 103 -1.23 2.00 -0.63
N SER B 104 -1.18 1.25 0.47
CA SER B 104 -2.18 0.23 0.77
C SER B 104 -3.61 0.71 0.67
N GLN B 105 -3.87 1.92 1.13
CA GLN B 105 -5.22 2.48 1.08
C GLN B 105 -5.68 2.65 -0.38
N GLN B 106 -4.78 3.08 -1.25
CA GLN B 106 -5.12 3.26 -2.65
C GLN B 106 -5.35 1.89 -3.31
N ILE B 107 -4.48 0.93 -3.00
CA ILE B 107 -4.61 -0.41 -3.55
C ILE B 107 -5.92 -1.03 -3.06
N GLU B 108 -6.26 -0.79 -1.80
CA GLU B 108 -7.49 -1.33 -1.26
C GLU B 108 -8.73 -0.91 -2.05
N ARG B 109 -8.84 0.39 -2.38
CA ARG B 109 -9.99 0.86 -3.14
C ARG B 109 -10.09 0.14 -4.48
N ILE B 110 -8.97 0.09 -5.20
CA ILE B 110 -8.94 -0.60 -6.49
C ILE B 110 -9.42 -2.05 -6.35
N VAL B 111 -8.83 -2.77 -5.40
CA VAL B 111 -9.19 -4.17 -5.18
C VAL B 111 -10.64 -4.34 -4.75
N GLU B 112 -11.16 -3.36 -4.01
CA GLU B 112 -12.55 -3.38 -3.56
C GLU B 112 -13.46 -3.30 -4.79
N ALA B 113 -13.30 -2.24 -5.58
CA ALA B 113 -14.11 -2.08 -6.78
C ALA B 113 -13.93 -3.26 -7.74
N PHE B 114 -12.69 -3.72 -7.91
CA PHE B 114 -12.43 -4.86 -8.80
C PHE B 114 -13.16 -6.11 -8.33
N SER B 115 -13.06 -6.41 -7.04
CA SER B 115 -13.69 -7.60 -6.48
C SER B 115 -15.20 -7.67 -6.68
N SER B 116 -15.91 -6.63 -6.24
CA SER B 116 -17.36 -6.60 -6.38
C SER B 116 -17.79 -6.72 -7.85
N LYS B 117 -16.96 -6.21 -8.74
CA LYS B 117 -17.24 -6.27 -10.18
C LYS B 117 -16.98 -7.69 -10.66
N TYR B 118 -15.83 -8.23 -10.27
CA TYR B 118 -15.48 -9.59 -10.66
C TYR B 118 -16.50 -10.58 -10.14
N SER B 119 -16.96 -10.37 -8.91
CA SER B 119 -17.95 -11.26 -8.31
C SER B 119 -19.26 -11.22 -9.11
N ALA B 120 -19.76 -10.00 -9.34
CA ALA B 120 -21.00 -9.83 -10.10
C ALA B 120 -20.89 -10.43 -11.50
N ASP B 121 -19.69 -10.43 -12.06
CA ASP B 121 -19.45 -10.97 -13.38
C ASP B 121 -19.56 -12.49 -13.46
N GLN B 122 -19.61 -13.15 -12.31
CA GLN B 122 -19.72 -14.60 -12.31
C GLN B 122 -21.17 -15.08 -12.18
N SER B 123 -22.08 -14.15 -11.90
CA SER B 123 -23.51 -14.48 -11.77
C SER B 123 -24.23 -14.29 -13.10
N VAL B 150 -14.34 -24.03 -7.66
CA VAL B 150 -14.11 -22.97 -6.62
C VAL B 150 -15.03 -21.77 -6.85
N GLN B 151 -15.88 -21.47 -5.87
CA GLN B 151 -16.83 -20.36 -5.96
C GLN B 151 -16.78 -19.47 -4.72
N PRO B 152 -15.75 -18.61 -4.63
CA PRO B 152 -15.59 -17.70 -3.49
C PRO B 152 -16.61 -16.57 -3.46
N ASP B 153 -17.16 -16.30 -2.28
CA ASP B 153 -18.13 -15.21 -2.14
C ASP B 153 -17.41 -13.88 -2.35
N ALA B 154 -18.16 -12.79 -2.25
CA ALA B 154 -17.60 -11.45 -2.44
C ALA B 154 -16.38 -11.19 -1.57
N ASP B 155 -16.49 -11.48 -0.27
CA ASP B 155 -15.38 -11.26 0.65
C ASP B 155 -14.14 -12.10 0.33
N SER B 156 -14.36 -13.35 -0.04
CA SER B 156 -13.25 -14.24 -0.36
C SER B 156 -12.49 -13.82 -1.62
N VAL B 157 -13.21 -13.23 -2.58
CA VAL B 157 -12.59 -12.78 -3.80
C VAL B 157 -11.72 -11.57 -3.46
N PHE B 158 -12.23 -10.74 -2.56
CA PHE B 158 -11.50 -9.55 -2.13
C PHE B 158 -10.17 -9.96 -1.47
N VAL B 159 -10.24 -10.83 -0.47
CA VAL B 159 -9.04 -11.28 0.23
C VAL B 159 -8.05 -11.91 -0.74
N LEU B 160 -8.54 -12.80 -1.58
CA LEU B 160 -7.72 -13.48 -2.56
C LEU B 160 -7.02 -12.50 -3.50
N SER B 161 -7.75 -11.52 -4.01
CA SER B 161 -7.22 -10.52 -4.91
C SER B 161 -6.18 -9.65 -4.21
N TYR B 162 -6.49 -9.27 -2.97
CA TYR B 162 -5.56 -8.46 -2.18
C TYR B 162 -4.28 -9.29 -1.99
N SER B 163 -4.45 -10.59 -1.74
CA SER B 163 -3.31 -11.46 -1.51
C SER B 163 -2.43 -11.61 -2.75
N ILE B 164 -3.03 -11.44 -3.92
CA ILE B 164 -2.29 -11.54 -5.19
C ILE B 164 -1.40 -10.31 -5.39
N ILE B 165 -1.93 -9.13 -5.09
CA ILE B 165 -1.13 -7.91 -5.21
C ILE B 165 0.03 -8.07 -4.21
N MET B 166 -0.30 -8.54 -3.02
CA MET B 166 0.72 -8.77 -1.99
C MET B 166 1.81 -9.71 -2.50
N LEU B 167 1.41 -10.85 -3.05
CA LEU B 167 2.39 -11.81 -3.55
C LEU B 167 3.30 -11.22 -4.64
N ASN B 168 2.74 -10.41 -5.53
CA ASN B 168 3.54 -9.82 -6.60
C ASN B 168 4.67 -8.96 -6.02
N THR B 169 4.35 -8.24 -4.95
CA THR B 169 5.32 -7.38 -4.29
C THR B 169 6.32 -8.26 -3.53
N ASP B 170 5.80 -9.19 -2.74
CA ASP B 170 6.64 -10.09 -1.97
C ASP B 170 7.64 -10.82 -2.86
N SER B 171 7.15 -11.29 -4.02
CA SER B 171 7.97 -12.05 -4.96
C SER B 171 8.96 -11.31 -5.86
N HIS B 172 8.66 -10.08 -6.26
CA HIS B 172 9.55 -9.40 -7.19
C HIS B 172 10.11 -8.04 -6.77
N ASN B 173 9.66 -7.53 -5.64
CA ASN B 173 10.18 -6.26 -5.18
C ASN B 173 11.58 -6.55 -4.62
N PRO B 174 12.62 -5.99 -5.25
CA PRO B 174 14.00 -6.20 -4.82
C PRO B 174 14.28 -5.86 -3.36
N GLN B 175 13.44 -5.01 -2.77
CA GLN B 175 13.62 -4.64 -1.37
C GLN B 175 13.23 -5.76 -0.42
N VAL B 176 12.44 -6.72 -0.89
CA VAL B 176 12.01 -7.83 -0.03
C VAL B 176 13.14 -8.85 0.09
N LYS B 177 13.47 -9.18 1.33
CA LYS B 177 14.56 -10.12 1.64
C LYS B 177 14.20 -11.60 1.52
N ASP B 178 13.20 -12.04 2.28
CA ASP B 178 12.80 -13.45 2.24
C ASP B 178 11.43 -13.62 1.60
N HIS B 179 11.41 -14.28 0.44
CA HIS B 179 10.18 -14.49 -0.30
C HIS B 179 9.32 -15.61 0.27
N MET B 180 8.01 -15.45 0.18
CA MET B 180 7.10 -16.49 0.64
C MET B 180 7.31 -17.72 -0.23
N THR B 181 7.19 -18.89 0.37
CA THR B 181 7.29 -20.12 -0.41
C THR B 181 5.82 -20.42 -0.65
N PHE B 182 5.51 -21.40 -1.50
CA PHE B 182 4.10 -21.69 -1.72
C PHE B 182 3.41 -22.01 -0.39
N ASP B 183 4.03 -22.84 0.44
CA ASP B 183 3.41 -23.17 1.71
C ASP B 183 3.16 -21.95 2.58
N ASP B 184 4.04 -20.95 2.52
CA ASP B 184 3.82 -19.72 3.29
C ASP B 184 2.57 -19.03 2.75
N TYR B 185 2.51 -18.88 1.43
CA TYR B 185 1.37 -18.22 0.79
C TYR B 185 0.10 -18.98 1.12
N SER B 186 0.19 -20.30 1.06
CA SER B 186 -0.96 -21.15 1.33
C SER B 186 -1.45 -21.05 2.79
N ASN B 187 -0.52 -21.15 3.74
CA ASN B 187 -0.88 -21.06 5.15
C ASN B 187 -1.52 -19.73 5.47
N ASN B 188 -0.97 -18.67 4.91
CA ASN B 188 -1.46 -17.32 5.14
C ASN B 188 -2.91 -17.13 4.72
N LEU B 189 -3.41 -17.99 3.83
CA LEU B 189 -4.77 -17.87 3.35
C LEU B 189 -5.79 -18.81 4.01
N ARG B 190 -5.34 -19.58 4.99
CA ARG B 190 -6.21 -20.51 5.69
C ARG B 190 -7.44 -19.78 6.23
N GLY B 191 -8.60 -20.41 6.07
CA GLY B 191 -9.86 -19.84 6.54
C GLY B 191 -10.44 -18.71 5.71
N CYS B 192 -9.76 -18.33 4.63
CA CYS B 192 -10.26 -17.22 3.81
C CYS B 192 -11.19 -17.63 2.67
N TYR B 193 -11.51 -18.91 2.58
CA TYR B 193 -12.41 -19.40 1.55
C TYR B 193 -13.76 -19.71 2.19
N ASN B 194 -14.65 -18.73 2.18
CA ASN B 194 -15.98 -18.87 2.77
C ASN B 194 -15.91 -19.48 4.17
N GLY B 195 -14.87 -19.10 4.91
CA GLY B 195 -14.71 -19.61 6.26
C GLY B 195 -13.73 -20.77 6.34
N LYS B 196 -13.49 -21.44 5.21
CA LYS B 196 -12.59 -22.57 5.17
C LYS B 196 -11.35 -22.32 4.31
N ASP B 197 -10.72 -23.39 3.82
CA ASP B 197 -9.52 -23.25 3.00
C ASP B 197 -9.77 -23.45 1.51
N PHE B 198 -8.96 -22.76 0.70
CA PHE B 198 -9.06 -22.91 -0.74
C PHE B 198 -8.38 -24.24 -1.03
N PRO B 199 -8.81 -24.95 -2.08
CA PRO B 199 -8.12 -26.23 -2.34
C PRO B 199 -6.66 -25.93 -2.67
N ARG B 200 -5.76 -26.82 -2.26
CA ARG B 200 -4.34 -26.62 -2.51
C ARG B 200 -3.93 -26.42 -3.97
N TRP B 201 -4.50 -27.20 -4.89
CA TRP B 201 -4.10 -27.05 -6.30
C TRP B 201 -4.45 -25.67 -6.85
N TYR B 202 -5.56 -25.12 -6.38
CA TYR B 202 -6.02 -23.81 -6.80
C TYR B 202 -5.03 -22.73 -6.35
N LEU B 203 -4.68 -22.72 -5.07
CA LEU B 203 -3.75 -21.72 -4.56
C LEU B 203 -2.35 -21.86 -5.15
N HIS B 204 -1.97 -23.10 -5.48
CA HIS B 204 -0.66 -23.35 -6.07
C HIS B 204 -0.62 -22.75 -7.48
N LYS B 205 -1.72 -22.88 -8.20
CA LYS B 205 -1.76 -22.34 -9.56
C LYS B 205 -1.58 -20.82 -9.51
N ILE B 206 -2.33 -20.18 -8.62
CA ILE B 206 -2.25 -18.73 -8.48
C ILE B 206 -0.83 -18.33 -8.08
N TYR B 207 -0.30 -19.01 -7.08
CA TYR B 207 1.03 -18.73 -6.57
C TYR B 207 2.09 -18.87 -7.64
N THR B 208 2.09 -20.01 -8.33
CA THR B 208 3.07 -20.25 -9.38
C THR B 208 2.92 -19.21 -10.48
N SER B 209 1.69 -18.82 -10.76
CA SER B 209 1.42 -17.85 -11.81
C SER B 209 2.15 -16.53 -11.54
N ILE B 210 2.00 -16.00 -10.33
CA ILE B 210 2.66 -14.75 -9.98
C ILE B 210 4.16 -14.93 -9.85
N LYS B 211 4.55 -16.04 -9.23
CA LYS B 211 5.96 -16.35 -8.99
C LYS B 211 6.77 -16.42 -10.27
N VAL B 212 6.22 -17.06 -11.30
CA VAL B 212 6.95 -17.23 -12.55
C VAL B 212 6.70 -16.11 -13.56
N LYS B 213 5.62 -15.36 -13.37
CA LYS B 213 5.29 -14.28 -14.30
C LYS B 213 4.87 -13.02 -13.55
N GLU B 214 5.85 -12.19 -13.22
CA GLU B 214 5.59 -10.95 -12.51
C GLU B 214 4.60 -10.06 -13.27
N ILE B 215 3.76 -9.35 -12.52
CA ILE B 215 2.82 -8.43 -13.11
C ILE B 215 3.62 -7.16 -13.37
N VAL B 216 3.73 -6.76 -14.64
CA VAL B 216 4.46 -5.55 -14.97
C VAL B 216 3.70 -4.81 -16.06
N MET B 217 4.15 -3.61 -16.38
CA MET B 217 3.55 -2.83 -17.45
C MET B 217 4.48 -3.12 -18.65
N PRO B 218 3.99 -3.85 -19.66
CA PRO B 218 4.80 -4.20 -20.83
C PRO B 218 5.53 -3.02 -21.49
N GLU B 219 4.79 -1.96 -21.77
CA GLU B 219 5.34 -0.76 -22.40
C GLU B 219 6.56 -0.22 -21.64
N GLU B 220 6.64 -0.54 -20.36
CA GLU B 220 7.71 -0.09 -19.49
C GLU B 220 9.04 -0.81 -19.74
N HIS B 221 8.97 -2.00 -20.31
CA HIS B 221 10.16 -2.79 -20.60
C HIS B 221 10.30 -3.04 -22.10
MG MG C . 5.06 7.08 4.48
PB GDP D . 4.57 8.81 7.25
O1B GDP D . 4.48 8.24 8.60
O2B GDP D . 5.43 8.17 6.25
O3B GDP D . 3.13 8.92 6.69
O3A GDP D . 5.04 10.37 7.33
PA GDP D . 6.20 11.15 6.50
O1A GDP D . 7.53 10.58 6.84
O2A GDP D . 5.78 11.25 5.09
O5' GDP D . 6.07 12.60 7.23
C5' GDP D . 4.89 13.42 7.03
C4' GDP D . 5.26 14.91 6.99
O4' GDP D . 5.87 15.25 8.24
C3' GDP D . 6.29 15.28 5.91
O3' GDP D . 5.91 16.51 5.32
C2' GDP D . 7.63 15.35 6.65
O2' GDP D . 8.67 16.15 6.07
C1' GDP D . 7.17 15.81 8.02
N9 GDP D . 8.07 15.36 9.10
C8 GDP D . 8.57 14.12 9.36
N7 GDP D . 9.35 14.03 10.40
C5 GDP D . 9.39 15.34 10.88
C6 GDP D . 10.09 15.90 12.02
O6 GDP D . 10.82 15.33 12.82
N1 GDP D . 9.86 17.29 12.15
C2 GDP D . 9.06 18.07 11.30
N2 GDP D . 8.96 19.36 11.58
N3 GDP D . 8.39 17.55 10.23
C4 GDP D . 8.61 16.18 10.08
OC7 AFB E . -2.28 -4.28 4.49
C7 AFB E . -0.83 -4.38 4.23
C8 AFB E . -0.49 -5.57 3.35
C6 AFB E . -0.09 -3.29 3.54
C5 AFB E . 1.34 -3.89 3.39
C9 AFB E . 1.04 -5.47 3.28
C10 AFB E . 1.62 -6.04 2.02
C11 AFB E . 2.66 -6.84 1.99
C12 AFB E . 3.32 -7.45 0.76
C13 AFB E . 4.81 -7.08 0.62
C14 AFB E . 5.74 -7.62 1.73
C15 AFB E . 6.63 -6.58 2.42
C16 AFB E . 7.50 -7.19 3.46
O16 AFB E . 5.65 -5.67 3.02
C1 AFB E . 5.95 -4.36 3.21
OC1 AFB E . 7.00 -3.84 2.92
C2 AFB E . 4.84 -3.60 3.83
C3 AFB E . 3.68 -4.15 4.15
C4 AFB E . 2.37 -3.48 4.47
OC4 AFB E . 2.48 -2.05 4.41
C1 CIT F . 0.53 -8.44 29.40
O1 CIT F . 0.13 -9.41 28.62
O2 CIT F . 1.57 -8.56 30.04
C2 CIT F . -0.38 -7.19 29.45
C3 CIT F . 0.40 -5.68 29.40
O7 CIT F . 1.28 -5.55 30.52
C4 CIT F . 1.53 -5.37 28.27
C5 CIT F . 1.06 -5.39 26.75
O3 CIT F . 1.89 -4.92 25.91
O4 CIT F . -0.09 -5.87 26.45
C6 CIT F . -0.78 -4.68 29.52
O5 CIT F . -1.58 -4.69 28.65
O6 CIT F . -0.97 -3.89 30.44
#